data_9OSO
#
_entry.id   9OSO
#
loop_
_entity.id
_entity.type
_entity.pdbx_description
1 polymer DNA-COLIBACTIN
2 non-polymer N-({4-[(2R)-2-amino-2-{4-[(2-{(4Z)-2-methyl-4-[(5S)-5-methylpyrrolidin-2-ylidene]-5-oxo-4,5-dihydro-1H-pyrrol-3-yl}acetamido)acetyl]-1,3-thiazol-2-yl}acetyl]-1,3-thiazol-2-yl}methyl)-2-{(4Z)-2-methyl-4-[(5S)-5-methylpyrrolidin-2-ylidene]-5-oxo-4,5-dihydro-1H-pyrrol-3-yl}acetamide
#
_entity_poly.entity_id   1
_entity_poly.type   'polydeoxyribonucleotide'
_entity_poly.pdbx_seq_one_letter_code
;(DC)(DG)(DC)(DG)(DA)(A1CEB)(DT)(DA)(DT)(DT)(DC)(DG)(DC)(DG)
;
_entity_poly.pdbx_strand_id   A,B
#
loop_
_chem_comp.id
_chem_comp.type
_chem_comp.name
_chem_comp.formula
A1CEB non-polymer '[(2~{R},3~{R},4~{S},5~{R})-5-(6-azanyl-3-methyl-purin-9-yl)-4-fluoranyl-3-oxidanyl-oxolan-2-yl]methyl dihydrogen phosphate' 'C11 H16 F N5 O6 P 1'
A1CEC non-polymer N-({4-[(2R)-2-amino-2-{4-[(2-{(4Z)-2-methyl-4-[(5S)-5-methylpyrrolidin-2-ylidene]-5-oxo-4,5-dihydro-1H-pyrrol-3-yl}acetamido)acetyl]-1,3-thiazol-2-yl}acetyl]-1,3-thiazol-2-yl}methyl)-2-{(4Z)-2-methyl-4-[(5S)-5-methylpyrrolidin-2-ylidene]-5-oxo-4,5-dihydro-1H-pyrrol-3-yl}acetamide 'C35 H39 N9 O6 S2'
DA DNA linking 2'-DEOXYADENOSINE-5'-MONOPHOSPHATE 'C10 H14 N5 O6 P'
DC DNA linking 2'-DEOXYCYTIDINE-5'-MONOPHOSPHATE 'C9 H14 N3 O7 P'
DG DNA linking 2'-DEOXYGUANOSINE-5'-MONOPHOSPHATE 'C10 H14 N5 O7 P'
DT DNA linking THYMIDINE-5'-MONOPHOSPHATE 'C10 H15 N2 O8 P'
#
# COMPACT_ATOMS: atom_id res chain seq x y z
C2 A1CEB A 6 3.33 -0.81 -4.26
C4 A1CEB A 6 2.14 -2.34 -5.36
C5 A1CEB A 6 1.38 -1.33 -5.95
C6 A1CEB A 6 1.69 0.02 -5.62
P A1CEB A 6 0.19 -7.23 -9.60
OP1 A1CEB A 6 0.63 -8.66 -9.63
OP2 A1CEB A 6 -1.21 -6.90 -9.25
O5' A1CEB A 6 1.15 -6.44 -8.60
N9 A1CEB A 6 1.61 -3.53 -5.88
N3 A1CEB A 6 3.19 -2.11 -4.46
C28 A1CEB A 6 4.02 -3.08 -3.69
N1 A1CEB A 6 2.68 0.22 -4.76
N6 A1CEB A 6 1.08 1.10 -6.08
N7 A1CEB A 6 0.42 -1.85 -6.79
C8 A1CEB A 6 0.59 -3.14 -6.72
F2' A1CEB A 6 0.04 -5.63 -6.81
C2' A1CEB A 6 0.84 -5.93 -5.75
C5' A1CEB A 6 2.49 -6.87 -8.33
C4' A1CEB A 6 2.76 -6.75 -6.86
O4' A1CEB A 6 2.97 -5.35 -6.51
C1' A1CEB A 6 1.97 -4.93 -5.59
C3' A1CEB A 6 1.61 -7.21 -5.96
O3' A1CEB A 6 2.12 -7.68 -4.71
H2 A1CEB A 6 4.13 -0.54 -3.58
H28B A1CEB A 6 3.62 -4.08 -3.73
H28A A1CEB A 6 4.08 -2.79 -2.65
H62 A1CEB A 6 0.32 1.03 -6.73
H61 A1CEB A 6 1.39 2.03 -5.75
H8 A1CEB A 6 -0.01 -3.85 -7.28
H2'' A1CEB A 6 0.19 -5.99 -4.87
H5' A1CEB A 6 3.19 -6.26 -8.88
H5'' A1CEB A 6 2.60 -7.91 -8.63
H4' A1CEB A 6 3.62 -7.39 -6.62
H1' A1CEB A 6 2.37 -5.01 -4.60
H3' A1CEB A 6 1.01 -7.98 -6.44
C2 A1CEB B 6 -3.71 0.72 2.95
C4 A1CEB B 6 -4.74 1.66 1.21
C5 A1CEB B 6 -5.00 0.40 0.67
C6 A1CEB B 6 -4.55 -0.73 1.38
P A1CEB B 6 -9.61 5.72 -1.80
OP1 A1CEB B 6 -10.03 7.13 -1.69
OP2 A1CEB B 6 -9.56 5.08 -3.14
O5' A1CEB B 6 -8.18 5.57 -1.13
N9 A1CEB B 6 -5.27 2.57 0.28
N3 A1CEB B 6 -4.08 1.88 2.40
C28 A1CEB B 6 -3.82 3.17 3.10
N1 A1CEB B 6 -3.90 -0.53 2.53
N6 A1CEB B 6 -4.73 -1.99 1.01
N7 A1CEB B 6 -5.69 0.51 -0.54
C8 A1CEB B 6 -5.83 1.80 -0.71
F2' A1CEB B 6 -6.40 4.16 -1.76
C2' A1CEB B 6 -5.37 4.70 -1.08
C5' A1CEB B 6 -8.01 5.84 0.27
C4' A1CEB B 6 -6.55 5.88 0.60
O4' A1CEB B 6 -6.13 4.58 1.12
C1' A1CEB B 6 -5.15 4.03 0.27
C3' A1CEB B 6 -5.65 6.11 -0.62
O3' A1CEB B 6 -4.43 6.78 -0.24
H2 A1CEB B 6 -3.17 0.81 3.89
H28B A1CEB B 6 -4.30 4.00 2.62
H28A A1CEB B 6 -2.75 3.37 3.16
H62 A1CEB B 6 -5.22 -2.21 0.14
H61 A1CEB B 6 -4.37 -2.76 1.59
H8 A1CEB B 6 -6.37 2.24 -1.54
H2'' A1CEB B 6 -4.49 4.65 -1.72
H5' A1CEB B 6 -8.49 5.06 0.86
H5'' A1CEB B 6 -8.46 6.80 0.52
H4' A1CEB B 6 -6.38 6.69 1.30
H1' A1CEB B 6 -4.17 4.30 0.65
H3' A1CEB B 6 -6.17 6.69 -1.38
N1 A1CEC C . 8.34 -8.26 -4.15
N3 A1CEC C . 6.12 -2.91 -0.58
C27' A1CEC C . -4.38 3.11 4.53
C26' A1CEC C . -5.23 4.36 4.78
N2' A1CEC C . -6.46 4.60 4.16
C25' A1CEC C . -7.01 5.77 4.57
O13' A1CEC C . -8.08 6.18 4.16
C24' A1CEC C . -6.08 6.39 5.59
C23' A1CEC C . -6.35 7.59 6.20
C22' A1CEC C . -5.52 8.31 7.09
C21' A1CEC C . -6.39 9.35 7.77
C19' A1CEC C . -7.46 9.60 6.76
C20' A1CEC C . -8.80 9.86 7.44
N1' A1CEC C . -7.44 8.36 6.01
C29' A1CEC C . -4.93 5.44 5.71
C30' A1CEC C . -3.66 5.41 6.60
C31' A1CEC C . -2.35 5.27 5.80
O14' A1CEC C . -1.80 6.25 5.30
N3' A1CEC C . -1.76 4.08 6.04
C42 A1CEC C . -0.49 3.67 5.39
C41 A1CEC C . 0.67 3.84 6.38
O16 A1CEC C . 0.52 4.57 7.36
C40 A1CEC C . 1.84 3.22 6.20
N4' A1CEC C . 2.02 2.39 5.08
C39 A1CEC C . 2.87 3.34 7.01
S12 A1CEC C . 4.18 2.39 6.45
C38 A1CEC C . 3.23 1.88 5.09
C37 A1CEC C . 3.70 1.03 4.14
N37 A1CEC C . 2.85 0.69 3.16
C36 A1CEC C . 5.15 0.44 4.19
O15 A1CEC C . 5.91 0.78 5.09
C35 A1CEC C . 5.65 -0.42 3.29
C34 A1CEC C . 6.90 -0.90 3.36
C33 A1CEC C . 5.58 -1.83 1.57
N4 A1CEC C . 4.88 -0.94 2.24
S11 A1CEC C . 7.19 -2.05 2.13
C27 A1CEC C . 5.57 -2.90 -4.08
C26 A1CEC C . 6.19 -4.27 -4.27
N2 A1CEC C . 5.97 -5.08 -5.29
C25 A1CEC C . 6.66 -6.19 -5.11
O13 A1CEC C . 6.63 -7.12 -5.92
C24 A1CEC C . 7.35 -6.10 -3.95
C23 A1CEC C . 8.14 -7.09 -3.52
C22 A1CEC C . 8.75 -7.20 -2.26
C21 A1CEC C . 9.46 -8.55 -2.19
C19 A1CEC C . 8.81 -9.33 -3.28
C20 A1CEC C . 9.82 -10.25 -3.97
C29 A1CEC C . 7.06 -4.88 -3.42
C30 A1CEC C . 7.51 -4.12 -2.15
C31 A1CEC C . 6.37 -4.10 -1.12
O14 A1CEC C . 5.77 -5.13 -0.82
C32 A1CEC C . 5.06 -2.70 0.42
H11 A1CEC C . 8.29 -8.41 -5.14
H13 A1CEC C . 6.62 -2.08 -0.83
H27D A1CEC C . -4.98 2.24 4.65
H27E A1CEC C . -3.57 3.05 5.21
H12' A1CEC C . -6.90 3.96 3.50
H22E A1CEC C . -4.72 8.79 6.54
H22D A1CEC C . -5.11 7.63 7.84
H21D A1CEC C . -6.81 8.96 8.70
H21E A1CEC C . -5.81 10.27 7.96
H19D A1CEC C . -7.19 10.44 6.12
H20F A1CEC C . -9.11 8.97 7.98
H20E A1CEC C . -9.55 10.12 6.70
H20D A1CEC C . -8.70 10.69 8.15
H11' A1CEC C . -8.23 8.10 5.43
H30D A1CEC C . -3.73 4.58 7.30
H30E A1CEC C . -3.60 6.34 7.17
H13' A1CEC C . -2.26 3.30 6.46
H42A A1CEC C . -0.31 4.29 4.51
H42B A1CEC C . -0.55 2.63 5.09
H39 A1CEC C . 2.95 3.92 7.93
H15 A1CEC C . 1.92 1.07 3.16
H34 A1CEC C . 7.65 -0.67 4.11
H27B A1CEC C . 5.82 -2.28 -4.95
H27A A1CEC C . 5.91 -2.41 -3.18
H12 A1CEC C . 5.37 -4.88 -6.07
H22B A1CEC C . 8.00 -7.14 -1.48
H22A A1CEC C . 9.48 -6.40 -2.14
H21B A1CEC C . 9.30 -9.02 -1.22
H21A A1CEC C . 10.52 -8.43 -2.39
H19A A1CEC C . 7.96 -9.90 -2.89
H20C A1CEC C . 10.39 -9.69 -4.69
H20B A1CEC C . 9.28 -11.06 -4.47
H20A A1CEC C . 10.49 -10.67 -3.21
H30A A1CEC C . 7.76 -3.09 -2.42
H30B A1CEC C . 8.38 -4.60 -1.72
H32A A1CEC C . 4.76 -3.67 0.83
H32B A1CEC C . 4.20 -2.28 -0.09
H16 A1CEC C . 3.13 0.08 2.39
C2 A1CEB A 6 3.42 -0.86 -4.15
C4 A1CEB A 6 2.19 -2.41 -5.18
C5 A1CEB A 6 1.41 -1.40 -5.75
C6 A1CEB A 6 1.71 -0.06 -5.44
P A1CEB A 6 0.34 -7.25 -9.30
OP1 A1CEB A 6 0.79 -8.66 -9.31
OP2 A1CEB A 6 -1.04 -6.92 -8.86
O5' A1CEB A 6 1.36 -6.40 -8.42
N9 A1CEB A 6 1.64 -3.61 -5.67
N3 A1CEB A 6 3.27 -2.17 -4.33
C28 A1CEB A 6 4.12 -3.13 -3.57
N1 A1CEB A 6 2.73 0.16 -4.63
N6 A1CEB A 6 1.07 1.02 -5.90
N7 A1CEB A 6 0.42 -1.94 -6.56
C8 A1CEB A 6 0.60 -3.23 -6.48
F2' A1CEB A 6 0.16 -5.75 -6.64
C2' A1CEB A 6 0.94 -6.02 -5.57
C5' A1CEB A 6 2.67 -6.88 -8.12
C4' A1CEB A 6 2.92 -6.76 -6.64
O4' A1CEB A 6 3.08 -5.36 -6.28
C1' A1CEB A 6 2.04 -4.99 -5.38
C3' A1CEB A 6 1.78 -7.26 -5.77
O3' A1CEB A 6 2.28 -7.72 -4.52
H2 A1CEB A 6 4.24 -0.58 -3.50
H28B A1CEB A 6 3.71 -4.12 -3.56
H28A A1CEB A 6 4.23 -2.80 -2.53
H62 A1CEB A 6 0.29 0.92 -6.53
H61 A1CEB A 6 1.38 1.95 -5.60
H8 A1CEB A 6 -0.01 -3.95 -7.02
H2'' A1CEB A 6 0.29 -6.12 -4.69
H5' A1CEB A 6 3.42 -6.28 -8.65
H5'' A1CEB A 6 2.77 -7.92 -8.42
H4' A1CEB A 6 3.79 -7.37 -6.40
H1' A1CEB A 6 2.42 -5.05 -4.37
H3' A1CEB A 6 1.22 -8.06 -6.25
C2 A1CEB B 6 -3.68 0.77 2.78
C4 A1CEB B 6 -4.73 1.77 1.10
C5 A1CEB B 6 -5.00 0.54 0.50
C6 A1CEB B 6 -4.54 -0.62 1.18
P A1CEB B 6 -9.51 5.69 -1.63
OP1 A1CEB B 6 -9.81 7.13 -1.45
OP2 A1CEB B 6 -9.29 5.15 -3.00
O5' A1CEB B 6 -8.24 5.34 -0.75
N9 A1CEB B 6 -5.28 2.71 0.22
N3 A1CEB B 6 -4.06 1.94 2.29
C28 A1CEB B 6 -3.79 3.21 3.04
N1 A1CEB B 6 -3.87 -0.46 2.32
N6 A1CEB B 6 -4.74 -1.88 0.77
N7 A1CEB B 6 -5.71 0.69 -0.68
C8 A1CEB B 6 -5.85 1.99 -0.80
F2' A1CEB B 6 -6.45 4.39 -1.71
C2' A1CEB B 6 -5.39 4.90 -1.05
C5' A1CEB B 6 -7.98 5.99 0.49
C4' A1CEB B 6 -6.50 6.01 0.73
O4' A1CEB B 6 -6.06 4.71 1.18
C1' A1CEB B 6 -5.13 4.18 0.25
C3' A1CEB B 6 -5.66 6.29 -0.54
O3' A1CEB B 6 -4.43 6.95 -0.20
H2 A1CEB B 6 -3.12 0.83 3.72
H28B A1CEB B 6 -4.25 4.06 2.59
H28A A1CEB B 6 -2.72 3.37 3.13
H62 A1CEB B 6 -5.24 -2.06 -0.08
H61 A1CEB B 6 -4.37 -2.65 1.33
H8 A1CEB B 6 -6.41 2.46 -1.61
H2'' A1CEB B 6 -4.54 4.88 -1.73
H5' A1CEB B 6 -8.46 5.45 1.30
H5'' A1CEB B 6 -8.36 7.01 0.46
H4' A1CEB B 6 -6.29 6.81 1.44
H1' A1CEB B 6 -4.12 4.41 0.60
H3' A1CEB B 6 -6.21 6.89 -1.25
N1 A1CEC C . 8.21 -8.45 -4.03
N3 A1CEC C . 6.10 -2.97 -0.57
C27' A1CEC C . -4.39 3.09 4.45
C26' A1CEC C . -5.26 4.31 4.74
N2' A1CEC C . -6.49 4.56 4.13
C25' A1CEC C . -7.05 5.71 4.58
O13' A1CEC C . -8.13 6.14 4.17
C24' A1CEC C . -6.12 6.31 5.62
C23' A1CEC C . -6.42 7.48 6.28
C22' A1CEC C . -5.60 8.16 7.22
C21' A1CEC C . -6.49 9.16 7.95
C19' A1CEC C . -7.56 9.45 6.94
C20' A1CEC C . -8.91 9.65 7.63
N1' A1CEC C . -7.51 8.25 6.11
C29' A1CEC C . -4.98 5.38 5.71
C30' A1CEC C . -3.70 5.32 6.59
C31' A1CEC C . -2.39 5.19 5.81
O14' A1CEC C . -1.82 6.18 5.35
N3' A1CEC C . -1.81 3.99 6.03
C42 A1CEC C . -0.54 3.59 5.39
C41 A1CEC C . 0.62 3.81 6.35
O16 A1CEC C . 0.48 4.56 7.32
C40 A1CEC C . 1.80 3.20 6.17
N4' A1CEC C . 1.98 2.35 5.07
C39 A1CEC C . 2.85 3.35 6.97
S12 A1CEC C . 4.16 2.41 6.40
C38 A1CEC C . 3.19 1.87 5.07
C37 A1CEC C . 3.66 1.01 4.12
N37 A1CEC C . 2.80 0.65 3.15
C36 A1CEC C . 5.12 0.45 4.15
O15 A1CEC C . 5.89 0.82 5.03
C35 A1CEC C . 5.61 -0.41 3.24
C34 A1CEC C . 6.87 -0.88 3.31
C33 A1CEC C . 5.55 -1.82 1.54
N4 A1CEC C . 4.84 -0.94 2.22
S11 A1CEC C . 7.17 -2.03 2.09
C27 A1CEC C . 5.67 -2.98 -4.01
C26 A1CEC C . 6.23 -4.38 -4.18
N2 A1CEC C . 5.99 -5.18 -5.18
C25 A1CEC C . 6.63 -6.32 -5.00
O13 A1CEC C . 6.56 -7.26 -5.80
C24 A1CEC C . 7.31 -6.24 -3.84
C23 A1CEC C . 8.05 -7.27 -3.40
C22 A1CEC C . 8.65 -7.40 -2.13
C21 A1CEC C . 9.27 -8.79 -2.04
C19 A1CEC C . 8.58 -9.53 -3.14
C20 A1CEC C . 9.54 -10.53 -3.81
C29 A1CEC C . 7.06 -5.02 -3.31
C30 A1CEC C . 7.53 -4.26 -2.04
C31 A1CEC C . 6.38 -4.18 -1.02
O14 A1CEC C . 5.78 -5.20 -0.66
C32 A1CEC C . 5.03 -2.70 0.39
H11 A1CEC C . 8.19 -8.59 -5.02
H13 A1CEC C . 6.59 -2.14 -0.88
H27D A1CEC C . -5.00 2.20 4.52
H27E A1CEC C . -3.60 2.99 5.16
H12' A1CEC C . -6.93 3.94 3.46
H22E A1CEC C . -4.80 8.69 6.71
H22D A1CEC C . -5.19 7.46 7.92
H21D A1CEC C . -6.92 8.71 8.85
H21E A1CEC C . -5.93 10.06 8.19
H19D A1CEC C . -7.29 10.33 6.35
H20F A1CEC C . -9.27 8.70 8.00
H20E A1CEC C . -9.63 10.06 6.91
H20D A1CEC C . -8.79 10.35 8.46
H11' A1CEC C . -8.30 8.02 5.53
H30D A1CEC C . -3.78 4.49 7.28
H30E A1CEC C . -3.65 6.24 7.18
H13' A1CEC C . -2.34 3.22 6.42
H42A A1CEC C . -0.38 4.18 4.49
H42B A1CEC C . -0.59 2.53 5.13
H39 A1CEC C . 2.93 3.95 7.88
H15 A1CEC C . 1.87 1.01 3.17
H34 A1CEC C . 7.63 -0.63 4.05
H27B A1CEC C . 5.94 -2.38 -4.87
H27A A1CEC C . 6.02 -2.50 -3.10
H12 A1CEC C . 5.41 -4.95 -5.97
H22B A1CEC C . 7.89 -7.29 -1.35
H22A A1CEC C . 9.42 -6.65 -2.01
H21B A1CEC C . 9.05 -9.25 -1.07
H21A A1CEC C . 10.35 -8.74 -2.21
H19A A1CEC C . 7.69 -10.04 -2.77
H20C A1CEC C . 8.98 -11.16 -4.50
H20B A1CEC C . 10.01 -11.15 -3.04
H20A A1CEC C . 10.30 -9.98 -4.35
H30A A1CEC C . 7.83 -3.26 -2.31
H30B A1CEC C . 8.37 -4.79 -1.60
H32A A1CEC C . 4.68 -3.64 0.81
H32B A1CEC C . 4.21 -2.26 -0.16
H16 A1CEC C . 3.08 0.04 2.40
C2 A1CEB A 6 3.49 -0.91 -4.38
C4 A1CEB A 6 2.18 -2.46 -5.27
C5 A1CEB A 6 1.42 -1.46 -5.90
C6 A1CEB A 6 1.81 -0.12 -5.69
P A1CEB A 6 0.40 -7.26 -9.17
OP1 A1CEB A 6 0.79 -8.69 -9.19
OP2 A1CEB A 6 -0.95 -6.88 -8.68
O5' A1CEB A 6 1.49 -6.44 -8.35
N9 A1CEB A 6 1.55 -3.66 -5.65
N3 A1CEB A 6 3.28 -2.22 -4.45
C28 A1CEB A 6 4.09 -3.16 -3.63
N1 A1CEB A 6 2.85 0.09 -4.92
N6 A1CEB A 6 1.21 0.96 -6.18
N7 A1CEB A 6 0.39 -2.02 -6.65
C8 A1CEB A 6 0.51 -3.30 -6.47
F2' A1CEB A 6 0.13 -5.81 -6.68
C2' A1CEB A 6 0.80 -6.07 -5.54
C5' A1CEB A 6 2.72 -7.02 -7.92
C4' A1CEB A 6 2.85 -6.88 -6.41
O4' A1CEB A 6 3.00 -5.47 -6.06
C1' A1CEB A 6 1.90 -5.05 -5.28
C3' A1CEB A 6 1.61 -7.34 -5.64
O3' A1CEB A 6 1.99 -7.80 -4.34
H2 A1CEB A 6 4.34 -0.63 -3.76
H28B A1CEB A 6 3.60 -4.11 -3.54
H28A A1CEB A 6 4.23 -2.75 -2.62
H62 A1CEB A 6 0.39 0.87 -6.77
H61 A1CEB A 6 1.58 1.89 -5.94
H8 A1CEB A 6 -0.16 -4.02 -6.91
H2'' A1CEB A 6 0.07 -6.12 -4.74
H5' A1CEB A 6 3.56 -6.50 -8.39
H5'' A1CEB A 6 2.75 -8.07 -8.19
H4' A1CEB A 6 3.67 -7.51 -6.09
H1' A1CEB A 6 2.17 -5.08 -4.23
H3' A1CEB A 6 1.08 -8.12 -6.17
C2 A1CEB B 6 -3.87 0.79 2.56
C4 A1CEB B 6 -4.84 1.91 0.90
C5 A1CEB B 6 -5.20 0.70 0.27
C6 A1CEB B 6 -4.81 -0.50 0.91
P A1CEB B 6 -9.71 5.72 -1.77
OP1 A1CEB B 6 -10.13 7.15 -1.64
OP2 A1CEB B 6 -9.64 5.10 -3.12
O5' A1CEB B 6 -8.30 5.56 -1.06
N9 A1CEB B 6 -5.33 2.91 0.03
N3 A1CEB B 6 -4.16 2.01 2.10
C28 A1CEB B 6 -3.80 3.24 2.87
N1 A1CEB B 6 -4.13 -0.41 2.06
N6 A1CEB B 6 -5.09 -1.73 0.45
N7 A1CEB B 6 -5.87 0.94 -0.91
C8 A1CEB B 6 -5.94 2.24 -1.00
F2' A1CEB B 6 -6.43 4.59 -1.88
C2' A1CEB B 6 -5.43 5.14 -1.17
C5' A1CEB B 6 -8.12 5.89 0.31
C4' A1CEB B 6 -6.66 6.09 0.61
O4' A1CEB B 6 -6.08 4.86 1.08
C1' A1CEB B 6 -5.15 4.36 0.12
C3' A1CEB B 6 -5.81 6.49 -0.61
O3' A1CEB B 6 -4.62 7.22 -0.21
H2 A1CEB B 6 -3.30 0.77 3.49
H28B A1CEB B 6 -4.21 4.12 2.44
H28A A1CEB B 6 -2.72 3.35 2.92
H62 A1CEB B 6 -5.60 -1.83 -0.42
H61 A1CEB B 6 -4.78 -2.54 0.97
H8 A1CEB B 6 -6.45 2.75 -1.81
H2'' A1CEB B 6 -4.56 5.21 -1.82
H5' A1CEB B 6 -8.51 5.09 0.94
H5'' A1CEB B 6 -8.66 6.81 0.54
H4' A1CEB B 6 -6.58 6.90 1.33
H1' A1CEB B 6 -4.15 4.57 0.47
H3' A1CEB B 6 -6.38 7.08 -1.32
N1 A1CEC C . 7.84 -8.71 -3.45
N3 A1CEC C . 5.95 -2.75 -0.69
C27' A1CEC C . -4.34 3.15 4.30
C26' A1CEC C . -5.28 4.35 4.56
N2' A1CEC C . -6.51 4.53 3.91
C25' A1CEC C . -7.14 5.66 4.34
O13' A1CEC C . -8.22 6.01 3.91
C24' A1CEC C . -6.26 6.31 5.38
C23' A1CEC C . -6.62 7.48 6.01
C22' A1CEC C . -5.83 8.26 6.88
C21' A1CEC C . -6.74 9.29 7.53
C19' A1CEC C . -7.82 9.45 6.51
C20' A1CEC C . -9.18 9.67 7.18
N1' A1CEC C . -7.75 8.19 5.79
C29' A1CEC C . -5.07 5.44 5.51
C30' A1CEC C . -3.80 5.47 6.42
C31' A1CEC C . -2.48 5.43 5.63
O14' A1CEC C . -1.99 6.45 5.17
N3' A1CEC C . -1.80 4.28 5.85
C42 A1CEC C . -0.52 3.98 5.21
C41 A1CEC C . 0.63 4.16 6.21
O16 A1CEC C . 0.48 4.89 7.18
C40 A1CEC C . 1.80 3.54 6.02
N4' A1CEC C . 1.97 2.71 4.91
C39 A1CEC C . 2.85 3.66 6.83
S12 A1CEC C . 4.14 2.72 6.25
C38 A1CEC C . 3.17 2.20 4.92
C37 A1CEC C . 3.62 1.34 3.96
N37 A1CEC C . 2.76 1.00 2.99
C36 A1CEC C . 5.08 0.76 4.00
O15 A1CEC C . 5.86 1.09 4.88
C35 A1CEC C . 5.55 -0.10 3.08
C34 A1CEC C . 6.79 -0.60 3.12
C33 A1CEC C . 5.42 -1.46 1.34
N4 A1CEC C . 4.75 -0.58 2.04
S11 A1CEC C . 7.04 -1.71 1.85
C27 A1CEC C . 5.64 -3.12 -4.07
C26 A1CEC C . 6.11 -4.57 -4.08
N2 A1CEC C . 5.87 -5.44 -5.02
C25 A1CEC C . 6.43 -6.60 -4.70
O13 A1CEC C . 6.34 -7.59 -5.42
C24 A1CEC C . 7.05 -6.45 -3.52
C23 A1CEC C . 7.71 -7.47 -2.94
C22 A1CEC C . 8.24 -7.52 -1.64
C21 A1CEC C . 8.74 -8.93 -1.36
C19 A1CEC C . 8.07 -9.74 -2.43
C20 A1CEC C . 8.98 -10.85 -2.93
C29 A1CEC C . 6.86 -5.17 -3.12
C30 A1CEC C . 7.32 -4.33 -1.89
C31 A1CEC C . 6.12 -4.04 -0.97
O14 A1CEC C . 5.42 -4.94 -0.54
C32 A1CEC C . 4.85 -2.25 0.15
H11 A1CEC C . 7.93 -8.94 -4.42
H13 A1CEC C . 6.54 -2.03 -1.05
H27D A1CEC C . -4.89 2.24 4.43
H27E A1CEC C . -3.53 3.15 4.98
H12' A1CEC C . -6.89 3.88 3.24
H22E A1CEC C . -5.04 8.76 6.33
H22D A1CEC C . -5.40 7.62 7.65
H21D A1CEC C . -7.15 8.91 8.47
H21E A1CEC C . -6.21 10.23 7.70
H19D A1CEC C . -7.58 10.28 5.84
H20F A1CEC C . -9.54 8.74 7.59
H20E A1CEC C . -9.89 10.05 6.45
H20D A1CEC C . -9.07 10.41 7.98
H11' A1CEC C . -8.53 7.88 5.25
H30D A1CEC C . -3.83 4.62 7.10
H30E A1CEC C . -3.82 6.38 7.00
H13' A1CEC C . -2.26 3.46 6.24
H42A A1CEC C . -0.36 4.65 4.36
H42B A1CEC C . -0.52 2.95 4.85
H39 A1CEC C . 2.93 4.25 7.74
H15 A1CEC C . 1.83 1.39 3.00
H34 A1CEC C . 7.58 -0.39 3.84
H27B A1CEC C . 5.98 -2.63 -4.98
H27A A1CEC C . 6.01 -2.58 -3.22
H12 A1CEC C . 5.34 -5.25 -5.86
H22B A1CEC C . 7.46 -7.25 -0.92
H22A A1CEC C . 9.07 -6.82 -1.55
H21B A1CEC C . 8.42 -9.27 -0.38
H21A A1CEC C . 9.82 -8.99 -1.46
H19A A1CEC C . 7.12 -10.13 -2.08
H20C A1CEC C . 8.42 -11.54 -3.57
H20B A1CEC C . 9.37 -11.41 -2.07
H20A A1CEC C . 9.81 -10.43 -3.48
H30A A1CEC C . 7.74 -3.39 -2.25
H30B A1CEC C . 8.08 -4.87 -1.34
H32A A1CEC C . 4.29 -3.10 0.54
H32B A1CEC C . 4.20 -1.67 -0.48
H16 A1CEC C . 3.03 0.38 2.23
C2 A1CEB A 6 3.40 -0.91 -4.35
C4 A1CEB A 6 2.09 -2.45 -5.26
C5 A1CEB A 6 1.32 -1.45 -5.86
C6 A1CEB A 6 1.69 -0.10 -5.64
P A1CEB A 6 0.42 -7.23 -9.17
OP1 A1CEB A 6 0.81 -8.66 -9.15
OP2 A1CEB A 6 -0.91 -6.83 -8.63
O5' A1CEB A 6 1.54 -6.39 -8.40
N9 A1CEB A 6 1.47 -3.65 -5.66
N3 A1CEB A 6 3.20 -2.22 -4.45
C28 A1CEB A 6 4.03 -3.18 -3.68
N1 A1CEB A 6 2.74 0.11 -4.86
N6 A1CEB A 6 1.06 0.97 -6.11
N7 A1CEB A 6 0.28 -1.99 -6.61
C8 A1CEB A 6 0.42 -3.27 -6.47
F2' A1CEB A 6 0.09 -5.76 -6.81
C2' A1CEB A 6 0.69 -6.05 -5.64
C5' A1CEB A 6 2.74 -6.97 -7.91
C4' A1CEB A 6 2.79 -6.86 -6.40
O4' A1CEB A 6 2.94 -5.46 -6.04
C1' A1CEB A 6 1.79 -5.04 -5.30
C3' A1CEB A 6 1.51 -7.32 -5.72
O3' A1CEB A 6 1.80 -7.81 -4.41
H2 A1CEB A 6 4.25 -0.63 -3.73
H28B A1CEB A 6 3.57 -4.16 -3.62
H28A A1CEB A 6 4.18 -2.82 -2.65
H62 A1CEB A 6 0.24 0.86 -6.70
H61 A1CEB A 6 1.40 1.91 -5.87
H8 A1CEB A 6 -0.24 -3.98 -6.94
H2'' A1CEB A 6 -0.07 -6.12 -4.88
H5' A1CEB A 6 3.60 -6.46 -8.34
H5'' A1CEB A 6 2.78 -8.03 -8.18
H4' A1CEB A 6 3.60 -7.48 -6.05
H1' A1CEB A 6 2.02 -5.08 -4.24
H3' A1CEB A 6 1.00 -8.09 -6.30
C2 A1CEB B 6 -3.88 0.81 2.37
C4 A1CEB B 6 -4.93 1.94 0.76
C5 A1CEB B 6 -5.24 0.74 0.10
C6 A1CEB B 6 -4.80 -0.46 0.70
P A1CEB B 6 -9.87 5.71 -1.84
OP1 A1CEB B 6 -10.29 7.13 -1.72
OP2 A1CEB B 6 -9.75 5.08 -3.18
O5' A1CEB B 6 -8.50 5.54 -1.08
N9 A1CEB B 6 -5.49 2.94 -0.05
N3 A1CEB B 6 -4.24 2.03 1.96
C28 A1CEB B 6 -3.92 3.23 2.78
N1 A1CEB B 6 -4.11 -0.37 1.84
N6 A1CEB B 6 -5.02 -1.68 0.20
N7 A1CEB B 6 -5.95 0.99 -1.06
C8 A1CEB B 6 -6.07 2.29 -1.10
F2' A1CEB B 6 -6.62 4.69 -1.90
C2' A1CEB B 6 -5.63 5.21 -1.15
C5' A1CEB B 6 -8.36 5.91 0.29
C4' A1CEB B 6 -6.90 6.08 0.63
O4' A1CEB B 6 -6.34 4.81 1.05
C1' A1CEB B 6 -5.37 4.39 0.10
C3' A1CEB B 6 -6.02 6.54 -0.53
O3' A1CEB B 6 -4.86 7.22 -0.04
H2 A1CEB B 6 -3.31 0.80 3.30
H28B A1CEB B 6 -4.32 4.13 2.36
H28A A1CEB B 6 -2.84 3.35 2.87
H62 A1CEB B 6 -5.53 -1.80 -0.66
H61 A1CEB B 6 -4.66 -2.50 0.71
H8 A1CEB B 6 -6.61 2.81 -1.88
H2'' A1CEB B 6 -4.75 5.31 -1.79
H5' A1CEB B 6 -8.78 5.14 0.93
H5'' A1CEB B 6 -8.88 6.86 0.47
H4' A1CEB B 6 -6.83 6.86 1.40
H1' A1CEB B 6 -4.38 4.63 0.48
H3' A1CEB B 6 -6.56 7.17 -1.22
N1 A1CEC C . 7.92 -8.64 -3.81
N3 A1CEC C . 5.98 -2.88 -0.72
C27' A1CEC C . -4.51 3.08 4.18
C26' A1CEC C . -5.42 4.29 4.46
N2' A1CEC C . -6.65 4.51 3.82
C25' A1CEC C . -7.24 5.65 4.26
O13' A1CEC C . -8.32 6.05 3.84
C24' A1CEC C . -6.34 6.28 5.32
C23' A1CEC C . -6.67 7.45 5.95
C22' A1CEC C . -5.87 8.17 6.87
C21' A1CEC C . -6.77 9.18 7.56
C19' A1CEC C . -7.83 9.43 6.52
C20' A1CEC C . -9.19 9.65 7.19
N1' A1CEC C . -7.77 8.19 5.74
C29' A1CEC C . -5.18 5.36 5.42
C30' A1CEC C . -3.91 5.35 6.32
C31' A1CEC C . -2.59 5.29 5.54
O14' A1CEC C . -2.07 6.31 5.08
N3' A1CEC C . -1.95 4.12 5.72
C42 A1CEC C . -0.66 3.79 5.07
C41 A1CEC C . 0.48 3.96 6.08
O16 A1CEC C . 0.31 4.67 7.06
C40 A1CEC C . 1.65 3.33 5.92
N4' A1CEC C . 1.86 2.53 4.80
C39 A1CEC C . 2.67 3.43 6.76
S12 A1CEC C . 3.98 2.49 6.22
C38 A1CEC C . 3.06 2.01 4.84
C37 A1CEC C . 3.54 1.16 3.88
N37 A1CEC C . 2.71 0.85 2.86
C36 A1CEC C . 4.99 0.56 3.98
O15 A1CEC C . 5.73 0.88 4.90
C35 A1CEC C . 5.50 -0.29 3.07
C34 A1CEC C . 6.73 -0.79 3.17
C33 A1CEC C . 5.43 -1.66 1.35
N4 A1CEC C . 4.73 -0.76 2.01
S11 A1CEC C . 7.02 -1.93 1.93
C27 A1CEC C . 5.58 -3.10 -4.15
C26 A1CEC C . 6.09 -4.53 -4.22
N2 A1CEC C . 5.82 -5.38 -5.19
C25 A1CEC C . 6.42 -6.52 -4.92
O13 A1CEC C . 6.34 -7.49 -5.67
C24 A1CEC C . 7.09 -6.40 -3.75
C23 A1CEC C . 7.78 -7.43 -3.25
C22 A1CEC C . 8.36 -7.51 -1.96
C21 A1CEC C . 8.91 -8.92 -1.78
C19 A1CEC C . 8.22 -9.69 -2.84
C20 A1CEC C . 9.15 -10.76 -3.42
C29 A1CEC C . 6.87 -5.14 -3.31
C30 A1CEC C . 7.35 -4.33 -2.07
C31 A1CEC C . 6.18 -4.13 -1.09
O14 A1CEC C . 5.50 -5.09 -0.70
C32 A1CEC C . 4.89 -2.47 0.17
H11 A1CEC C . 7.96 -8.84 -4.79
H13 A1CEC C . 6.53 -2.11 -1.05
H27D A1CEC C . -5.09 2.19 4.24
H27E A1CEC C . -3.72 3.02 4.88
H12' A1CEC C . -7.05 3.89 3.14
H22E A1CEC C . -5.07 8.69 6.34
H22D A1CEC C . -5.45 7.50 7.60
H21D A1CEC C . -7.20 8.77 8.47
H21E A1CEC C . -6.22 10.10 7.77
H19D A1CEC C . -7.57 10.28 5.90
H20F A1CEC C . -9.51 8.73 7.67
H20E A1CEC C . -9.91 9.93 6.43
H20D A1CEC C . -9.11 10.43 7.93
H11' A1CEC C . -8.55 7.94 5.16
H30D A1CEC C . -3.95 4.48 6.99
H30E A1CEC C . -3.90 6.25 6.93
H13' A1CEC C . -2.43 3.30 6.11
H42A A1CEC C . -0.50 4.46 4.23
H42B A1CEC C . -0.68 2.76 4.72
H39 A1CEC C . 2.73 4.01 7.68
H15 A1CEC C . 1.80 1.24 2.85
H34 A1CEC C . 7.47 -0.61 3.94
H27B A1CEC C . 5.88 -2.56 -5.05
H27A A1CEC C . 5.95 -2.57 -3.27
H12 A1CEC C . 5.27 -5.17 -5.99
H22B A1CEC C . 7.60 -7.30 -1.21
H22A A1CEC C . 9.17 -6.79 -1.88
H21B A1CEC C . 8.64 -9.30 -0.78
H21A A1CEC C . 9.99 -8.94 -1.90
H19A A1CEC C . 7.30 -10.15 -2.47
H20C A1CEC C . 9.92 -10.30 -4.03
H20B A1CEC C . 8.58 -11.46 -4.03
H20A A1CEC C . 9.63 -11.30 -2.60
H30A A1CEC C . 7.72 -3.37 -2.39
H30B A1CEC C . 8.14 -4.87 -1.56
H32A A1CEC C . 4.42 -3.38 0.57
H32B A1CEC C . 4.16 -1.95 -0.43
H16 A1CEC C . 3.01 0.25 2.10
C2 A1CEB A 6 3.41 -1.08 -4.26
C4 A1CEB A 6 2.11 -2.55 -5.29
C5 A1CEB A 6 1.42 -1.50 -5.93
C6 A1CEB A 6 1.84 -0.18 -5.63
P A1CEB A 6 0.11 -7.11 -9.40
OP1 A1CEB A 6 0.47 -8.55 -9.46
OP2 A1CEB A 6 -1.22 -6.71 -8.89
O5' A1CEB A 6 1.22 -6.34 -8.54
N9 A1CEB A 6 1.49 -3.71 -5.77
N3 A1CEB A 6 3.16 -2.38 -4.41
C28 A1CEB A 6 3.92 -3.37 -3.60
N1 A1CEB A 6 2.82 -0.03 -4.78
N6 A1CEB A 6 1.31 0.94 -6.12
N7 A1CEB A 6 0.42 -1.98 -6.75
C8 A1CEB A 6 0.50 -3.28 -6.63
F2' A1CEB A 6 -0.06 -5.76 -6.83
C2' A1CEB A 6 0.63 -6.09 -5.72
C5' A1CEB A 6 2.46 -6.96 -8.18
C4' A1CEB A 6 2.63 -6.92 -6.68
O4' A1CEB A 6 2.86 -5.55 -6.25
C1' A1CEB A 6 1.77 -5.11 -5.44
C3' A1CEB A 6 1.40 -7.37 -5.89
O3' A1CEB A 6 1.80 -7.88 -4.62
H2 A1CEB A 6 4.22 -0.84 -3.59
H28B A1CEB A 6 3.45 -4.34 -3.59
H28A A1CEB A 6 4.02 -3.04 -2.56
H62 A1CEB A 6 0.54 0.91 -6.78
H61 A1CEB A 6 1.70 1.85 -5.81
H8 A1CEB A 6 -0.15 -3.96 -7.16
H2'' A1CEB A 6 -0.08 -6.17 -4.90
H5' A1CEB A 6 3.29 -6.41 -8.65
H5'' A1CEB A 6 2.48 -7.99 -8.52
H4' A1CEB A 6 3.45 -7.59 -6.43
H1' A1CEB A 6 2.06 -5.18 -4.41
H3' A1CEB A 6 0.84 -8.13 -6.44
C2 A1CEB B 6 -3.61 0.60 2.77
C4 A1CEB B 6 -4.61 1.45 0.98
C5 A1CEB B 6 -4.86 0.18 0.48
C6 A1CEB B 6 -4.41 -0.92 1.26
P A1CEB B 6 -10.03 5.33 -1.15
OP1 A1CEB B 6 -10.88 5.01 0.03
OP2 A1CEB B 6 -10.10 6.70 -1.72
O5' A1CEB B 6 -8.53 5.04 -0.74
N9 A1CEB B 6 -5.15 2.32 0.01
N3 A1CEB B 6 -3.97 1.72 2.17
C28 A1CEB B 6 -3.71 3.04 2.83
N1 A1CEB B 6 -3.78 -0.66 2.40
N6 A1CEB B 6 -4.59 -2.20 0.92
N7 A1CEB B 6 -5.52 0.23 -0.73
C8 A1CEB B 6 -5.67 1.51 -0.96
F2' A1CEB B 6 -6.67 3.80 -1.82
C2' A1CEB B 6 -5.58 4.42 -1.31
C5' A1CEB B 6 -8.05 5.45 0.53
C4' A1CEB B 6 -6.54 5.53 0.54
O4' A1CEB B 6 -5.99 4.27 0.97
C1' A1CEB B 6 -5.12 3.78 -0.03
C3' A1CEB B 6 -5.91 5.81 -0.82
O3' A1CEB B 6 -4.69 6.58 -0.68
H2 A1CEB B 6 -3.08 0.73 3.72
H28B A1CEB B 6 -4.02 3.87 2.22
H28A A1CEB B 6 -2.64 3.15 3.03
H62 A1CEB B 6 -5.07 -2.44 0.05
H61 A1CEB B 6 -4.24 -2.94 1.53
H8 A1CEB B 6 -6.17 1.90 -1.84
H2'' A1CEB B 6 -4.82 4.43 -2.10
H5' A1CEB B 6 -8.36 4.73 1.29
H5'' A1CEB B 6 -8.46 6.42 0.78
H4' A1CEB B 6 -6.28 6.36 1.21
H1' A1CEB B 6 -4.11 4.12 0.21
H3' A1CEB B 6 -6.59 6.34 -1.48
N1 A1CEC C . 7.88 -8.85 -3.90
N3 A1CEC C . 5.97 -3.24 -0.45
C27' A1CEC C . -4.47 3.10 4.15
C26' A1CEC C . -5.27 4.41 4.25
N2' A1CEC C . -6.46 4.65 3.54
C25' A1CEC C . -6.96 5.87 3.82
O13' A1CEC C . -8.00 6.30 3.33
C24' A1CEC C . -6.05 6.54 4.83
C23' A1CEC C . -6.31 7.79 5.33
C22' A1CEC C . -5.75 8.39 6.48
C21' A1CEC C . -6.87 9.13 7.17
C19' A1CEC C . -7.72 9.56 6.02
C20' A1CEC C . -9.20 9.51 6.40
N1' A1CEC C . -7.36 8.58 5.00
C29' A1CEC C . -4.97 5.56 5.10
C30' A1CEC C . -3.74 5.57 6.07
C31' A1CEC C . -2.42 5.19 5.40
O14' A1CEC C . -1.72 6.04 4.85
N3' A1CEC C . -2.00 3.99 5.81
C42 A1CEC C . -0.75 3.36 5.31
C41 A1CEC C . 0.42 3.73 6.22
O16 A1CEC C . 0.26 4.50 7.16
C40 A1CEC C . 1.64 3.19 6.01
N4' A1CEC C . 1.83 2.31 4.95
C39 A1CEC C . 2.70 3.44 6.77
S12 A1CEC C . 4.05 2.57 6.19
C38 A1CEC C . 3.07 1.89 4.92
C37 A1CEC C . 3.54 1.01 4.01
N37 A1CEC C . 2.68 0.56 3.09
C36 A1CEC C . 5.03 0.52 4.02
O15 A1CEC C . 5.82 0.97 4.85
C35 A1CEC C . 5.54 -0.37 3.14
C34 A1CEC C . 6.82 -0.77 3.18
C33 A1CEC C . 5.45 -1.91 1.56
N4 A1CEC C . 4.74 -1.00 2.19
S11 A1CEC C . 7.10 -2.01 2.05
C27 A1CEC C . 5.49 -3.31 -3.98
C26 A1CEC C . 6.00 -4.73 -4.11
N2 A1CEC C . 5.75 -5.54 -5.12
C25 A1CEC C . 6.35 -6.69 -4.92
O13 A1CEC C . 6.27 -7.63 -5.70
C24 A1CEC C . 7.02 -6.63 -3.74
C23 A1CEC C . 7.73 -7.67 -3.29
C22 A1CEC C . 8.31 -7.80 -2.01
C21 A1CEC C . 8.91 -9.19 -1.90
C19 A1CEC C . 8.23 -9.94 -3.01
C20 A1CEC C . 9.17 -10.96 -3.64
C29 A1CEC C . 6.80 -5.38 -3.23
C30 A1CEC C . 7.27 -4.62 -1.97
C31 A1CEC C . 6.11 -4.46 -0.96
O14 A1CEC C . 5.40 -5.42 -0.66
C32 A1CEC C . 4.90 -2.90 0.51
H11 A1CEC C . 7.89 -9.00 -4.89
H13 A1CEC C . 6.55 -2.47 -0.71
H27D A1CEC C . -5.14 2.26 4.20
H27E A1CEC C . -3.78 3.00 4.96
H12' A1CEC C . -6.89 3.98 2.91
H22E A1CEC C . -4.96 9.08 6.19
H22D A1CEC C . -5.35 7.62 7.14
H21D A1CEC C . -7.42 8.46 7.84
H21E A1CEC C . -6.48 9.98 7.72
H19D A1CEC C . -7.44 10.57 5.70
H20F A1CEC C . -9.55 8.47 6.38
H20E A1CEC C . -9.78 10.10 5.69
H20D A1CEC C . -9.34 9.91 7.40
H11' A1CEC C . -7.92 8.50 4.18
H30D A1CEC C . -3.93 4.89 6.89
H30E A1CEC C . -3.64 6.58 6.48
H13' A1CEC C . -2.63 3.32 6.27
H42A A1CEC C . -0.55 3.72 4.30
H42B A1CEC C . -0.87 2.28 5.29
H39 A1CEC C . 2.78 4.09 7.63
H15 A1CEC C . 1.73 0.88 3.11
H34 A1CEC C . 7.60 -0.47 3.88
H27B A1CEC C . 5.78 -2.74 -4.85
H27A A1CEC C . 5.87 -2.82 -3.09
H12 A1CEC C . 5.18 -5.30 -5.92
H22B A1CEC C . 7.55 -7.66 -1.25
H22A A1CEC C . 9.10 -7.05 -1.89
H21B A1CEC C . 8.67 -9.64 -0.93
H21A A1CEC C . 9.99 -9.17 -2.06
H19A A1CEC C . 7.33 -10.43 -2.63
H20C A1CEC C . 8.69 -11.40 -4.51
H20B A1CEC C . 9.42 -11.72 -2.91
H20A A1CEC C . 10.09 -10.45 -3.95
H30A A1CEC C . 7.64 -3.63 -2.24
H30B A1CEC C . 8.08 -5.18 -1.48
H32A A1CEC C . 4.60 -3.81 1.03
H32B A1CEC C . 4.06 -2.52 -0.05
H16 A1CEC C . 2.96 -0.07 2.33
C2 A1CEB A 6 3.54 -0.91 -4.34
C4 A1CEB A 6 2.23 -2.44 -5.27
C5 A1CEB A 6 1.48 -1.42 -5.89
C6 A1CEB A 6 1.87 -0.08 -5.65
P A1CEB A 6 0.30 -7.31 -9.18
OP1 A1CEB A 6 0.68 -8.75 -9.16
OP2 A1CEB A 6 -1.04 -6.91 -8.71
O5' A1CEB A 6 1.39 -6.50 -8.34
N9 A1CEB A 6 1.61 -3.63 -5.68
N3 A1CEB A 6 3.33 -2.22 -4.44
C28 A1CEB A 6 4.12 -3.16 -3.63
N1 A1CEB A 6 2.91 0.11 -4.87
N6 A1CEB A 6 1.27 1.02 -6.10
N7 A1CEB A 6 0.45 -1.95 -6.64
C8 A1CEB A 6 0.57 -3.25 -6.49
F2' A1CEB A 6 0.13 -5.77 -6.65
C2' A1CEB A 6 0.84 -6.01 -5.53
C5' A1CEB A 6 2.64 -7.07 -7.95
C4' A1CEB A 6 2.83 -6.87 -6.46
O4' A1CEB A 6 3.01 -5.46 -6.18
C1' A1CEB A 6 1.95 -5.01 -5.33
C3' A1CEB A 6 1.63 -7.29 -5.62
O3' A1CEB A 6 2.06 -7.72 -4.34
H2 A1CEB A 6 4.39 -0.64 -3.72
H28B A1CEB A 6 3.65 -4.12 -3.54
H28A A1CEB A 6 4.26 -2.77 -2.62
H62 A1CEB A 6 0.46 0.95 -6.69
H61 A1CEB A 6 1.65 1.94 -5.84
H8 A1CEB A 6 -0.08 -3.96 -6.98
H2'' A1CEB A 6 0.13 -6.04 -4.70
H5' A1CEB A 6 3.45 -6.58 -8.47
H5'' A1CEB A 6 2.65 -8.13 -8.17
H4' A1CEB A 6 3.67 -7.50 -6.16
H1' A1CEB A 6 2.28 -5.05 -4.30
H3' A1CEB A 6 1.06 -8.09 -6.10
C2 A1CEB B 6 -3.96 0.54 2.63
C4 A1CEB B 6 -4.96 1.62 0.96
C5 A1CEB B 6 -5.25 0.41 0.32
C6 A1CEB B 6 -4.84 -0.78 0.97
P A1CEB B 6 -9.82 5.55 -1.86
OP1 A1CEB B 6 -10.24 6.98 -1.76
OP2 A1CEB B 6 -9.69 4.91 -3.19
O5' A1CEB B 6 -8.44 5.38 -1.10
N9 A1CEB B 6 -5.48 2.60 0.10
N3 A1CEB B 6 -4.29 1.74 2.17
C28 A1CEB B 6 -3.99 2.98 2.96
N1 A1CEB B 6 -4.18 -0.66 2.13
N6 A1CEB B 6 -5.05 -2.02 0.51
N7 A1CEB B 6 -5.94 0.62 -0.86
C8 A1CEB B 6 -6.04 1.93 -0.95
F2' A1CEB B 6 -6.51 4.34 -1.86
C2' A1CEB B 6 -5.56 4.86 -1.06
C5' A1CEB B 6 -8.33 5.68 0.30
C4' A1CEB B 6 -6.87 5.79 0.68
O4' A1CEB B 6 -6.38 4.51 1.10
C1' A1CEB B 6 -5.36 4.06 0.21
C3' A1CEB B 6 -5.97 6.20 -0.48
O3' A1CEB B 6 -4.82 6.90 0.02
H2 A1CEB B 6 -3.42 0.55 3.57
H28B A1CEB B 6 -4.40 3.86 2.53
H28A A1CEB B 6 -2.90 3.10 3.05
H62 A1CEB B 6 -5.54 -2.16 -0.35
H61 A1CEB B 6 -4.72 -2.82 1.05
H8 A1CEB B 6 -6.56 2.42 -1.77
H2'' A1CEB B 6 -4.64 4.96 -1.64
H5' A1CEB B 6 -8.79 4.90 0.88
H5'' A1CEB B 6 -8.82 6.64 0.51
H4' A1CEB B 6 -6.79 6.56 1.45
H1' A1CEB B 6 -4.40 4.30 0.65
H3' A1CEB B 6 -6.48 6.83 -1.20
N1 A1CEC C . 7.97 -8.68 -3.51
N3 A1CEC C . 5.98 -2.75 -0.76
C27' A1CEC C . -4.57 2.86 4.36
C26' A1CEC C . -5.48 4.07 4.62
N2' A1CEC C . -6.70 4.30 3.98
C25' A1CEC C . -7.29 5.44 4.41
O13' A1CEC C . -8.36 5.84 3.97
C24' A1CEC C . -6.41 6.06 5.47
C23' A1CEC C . -6.73 7.23 6.10
C22' A1CEC C . -5.93 7.99 6.98
C21' A1CEC C . -6.82 9.01 7.65
C19' A1CEC C . -7.89 9.24 6.61
C20' A1CEC C . -9.24 9.46 7.28
N1' A1CEC C . -7.84 7.98 5.88
C29' A1CEC C . -5.24 5.13 5.59
C30' A1CEC C . -3.98 5.11 6.51
C31' A1CEC C . -2.66 5.08 5.72
O14' A1CEC C . -2.16 6.12 5.30
N3' A1CEC C . -1.99 3.92 5.90
C42 A1CEC C . -0.70 3.64 5.25
C41 A1CEC C . 0.43 3.82 6.27
O16 A1CEC C . 0.24 4.49 7.28
C40 A1CEC C . 1.62 3.25 6.06
N4' A1CEC C . 1.85 2.48 4.92
C39 A1CEC C . 2.66 3.37 6.89
S12 A1CEC C . 4.01 2.50 6.30
C38 A1CEC C . 3.07 2.01 4.93
C37 A1CEC C . 3.56 1.22 3.94
N37 A1CEC C . 2.72 0.90 2.94
C36 A1CEC C . 5.03 0.67 3.97
O15 A1CEC C . 5.78 1.00 4.88
C35 A1CEC C . 5.54 -0.13 3.02
C34 A1CEC C . 6.79 -0.60 3.05
C33 A1CEC C . 5.45 -1.46 1.26
N4 A1CEC C . 4.75 -0.61 1.98
S11 A1CEC C . 7.07 -1.69 1.77
C27 A1CEC C . 5.67 -3.14 -4.11
C26 A1CEC C . 6.16 -4.57 -4.11
N2 A1CEC C . 5.91 -5.45 -5.05
C25 A1CEC C . 6.49 -6.59 -4.73
O13 A1CEC C . 6.42 -7.59 -5.44
C24 A1CEC C . 7.14 -6.44 -3.56
C23 A1CEC C . 7.83 -7.45 -3.01
C22 A1CEC C . 8.33 -7.51 -1.69
C21 A1CEC C . 8.82 -8.92 -1.42
C19 A1CEC C . 8.18 -9.71 -2.50
C20 A1CEC C . 9.11 -10.83 -2.99
C29 A1CEC C . 6.94 -5.16 -3.17
C30 A1CEC C . 7.40 -4.32 -1.95
C31 A1CEC C . 6.21 -4.04 -1.01
O14 A1CEC C . 5.54 -4.95 -0.53
C32 A1CEC C . 4.88 -2.26 0.08
H11 A1CEC C . 7.99 -8.92 -4.48
H13 A1CEC C . 6.54 -2.02 -1.16
H27D A1CEC C . -5.15 1.96 4.45
H27E A1CEC C . -3.77 2.82 5.06
H12' A1CEC C . -7.10 3.67 3.29
H22E A1CEC C . -5.15 8.49 6.41
H22D A1CEC C . -5.49 7.35 7.73
H21D A1CEC C . -7.25 8.62 8.56
H21E A1CEC C . -6.28 9.94 7.84
H19D A1CEC C . -7.63 10.07 5.96
H20F A1CEC C . -10.04 9.32 6.54
H20E A1CEC C . -9.30 10.48 7.65
H20D A1CEC C . -9.38 8.77 8.10
H11' A1CEC C . -8.60 7.71 5.28
H30D A1CEC C . -4.03 4.22 7.15
H30E A1CEC C . -3.99 5.99 7.14
H13' A1CEC C . -2.47 3.09 6.27
H42A A1CEC C . -0.55 4.31 4.42
H42B A1CEC C . -0.70 2.61 4.89
H39 A1CEC C . 2.72 3.92 7.83
H15 A1CEC C . 1.79 1.26 2.97
H34 A1CEC C . 7.56 -0.40 3.81
H27B A1CEC C . 5.98 -2.64 -5.02
H27A A1CEC C . 6.06 -2.57 -3.26
H12 A1CEC C . 5.37 -5.28 -5.87
H22B A1CEC C . 7.54 -7.25 -0.98
H22A A1CEC C . 9.16 -6.80 -1.58
H21B A1CEC C . 8.49 -9.26 -0.43
H21A A1CEC C . 9.91 -8.97 -1.49
H19A A1CEC C . 7.22 -10.12 -2.18
H20C A1CEC C . 9.63 -10.50 -3.88
H20B A1CEC C . 8.51 -11.72 -3.22
H20A A1CEC C . 9.82 -11.06 -2.20
H30A A1CEC C . 7.80 -3.37 -2.30
H30B A1CEC C . 8.17 -4.85 -1.39
H32A A1CEC C . 4.34 -3.12 0.47
H32B A1CEC C . 4.20 -1.70 -0.56
H16 A1CEC C . 3.02 0.34 2.14
C2 A1CEB A 6 3.48 -0.85 -4.18
C4 A1CEB A 6 2.22 -2.39 -5.19
C5 A1CEB A 6 1.43 -1.36 -5.76
C6 A1CEB A 6 1.77 -0.02 -5.44
P A1CEB A 6 0.38 -7.25 -9.35
OP1 A1CEB A 6 0.84 -8.66 -9.38
OP2 A1CEB A 6 -1.00 -6.94 -8.91
O5' A1CEB A 6 1.39 -6.42 -8.44
N9 A1CEB A 6 1.64 -3.58 -5.68
N3 A1CEB A 6 3.31 -2.16 -4.36
C28 A1CEB A 6 4.13 -3.13 -3.59
N1 A1CEB A 6 2.81 0.18 -4.65
N6 A1CEB A 6 1.12 1.06 -5.85
N7 A1CEB A 6 0.42 -1.89 -6.55
C8 A1CEB A 6 0.59 -3.19 -6.47
F2' A1CEB A 6 0.17 -5.69 -6.70
C2' A1CEB A 6 0.91 -5.99 -5.61
C5' A1CEB A 6 2.70 -6.89 -8.11
C4' A1CEB A 6 2.90 -6.77 -6.62
O4' A1CEB A 6 3.06 -5.36 -6.27
C1' A1CEB A 6 2.02 -4.97 -5.39
C3' A1CEB A 6 1.72 -7.25 -5.79
O3' A1CEB A 6 2.18 -7.74 -4.54
H2 A1CEB A 6 4.32 -0.59 -3.54
H28B A1CEB A 6 3.67 -4.10 -3.55
H28A A1CEB A 6 4.26 -2.79 -2.57
H62 A1CEB A 6 0.32 0.98 -6.46
H61 A1CEB A 6 1.46 1.99 -5.56
H8 A1CEB A 6 -0.04 -3.90 -7.00
H2'' A1CEB A 6 0.23 -6.06 -4.77
H5' A1CEB A 6 3.45 -6.30 -8.63
H5'' A1CEB A 6 2.78 -7.94 -8.40
H4' A1CEB A 6 3.76 -7.38 -6.35
H1' A1CEB A 6 2.38 -5.05 -4.37
H3' A1CEB A 6 1.16 -8.03 -6.30
C2 A1CEB B 6 -3.91 0.88 2.43
C4 A1CEB B 6 -4.95 1.97 0.79
C5 A1CEB B 6 -5.24 0.76 0.15
C6 A1CEB B 6 -4.82 -0.43 0.78
P A1CEB B 6 -9.63 5.59 -1.59
OP1 A1CEB B 6 -9.95 7.03 -1.46
OP2 A1CEB B 6 -9.17 5.04 -2.89
O5' A1CEB B 6 -8.55 5.20 -0.48
N9 A1CEB B 6 -5.48 2.96 -0.06
N3 A1CEB B 6 -4.26 2.08 1.98
C28 A1CEB B 6 -3.95 3.31 2.78
N1 A1CEB B 6 -4.14 -0.32 1.93
N6 A1CEB B 6 -5.06 -1.66 0.33
N7 A1CEB B 6 -5.95 0.97 -1.03
C8 A1CEB B 6 -6.06 2.28 -1.10
F2' A1CEB B 6 -6.75 4.67 -1.85
C2' A1CEB B 6 -5.71 5.21 -1.19
C5' A1CEB B 6 -8.23 6.07 0.60
C4' A1CEB B 6 -6.75 6.16 0.72
O4' A1CEB B 6 -6.21 4.86 1.07
C1' A1CEB B 6 -5.34 4.41 0.04
C3' A1CEB B 6 -6.05 6.55 -0.58
O3' A1CEB B 6 -4.84 7.27 -0.30
H2 A1CEB B 6 -3.36 0.88 3.36
H28B A1CEB B 6 -4.35 4.19 2.34
H28A A1CEB B 6 -2.87 3.43 2.87
H62 A1CEB B 6 -5.58 -1.80 -0.53
H61 A1CEB B 6 -4.71 -2.47 0.84
H8 A1CEB B 6 -6.59 2.78 -1.91
H2'' A1CEB B 6 -4.88 5.30 -1.90
H5' A1CEB B 6 -8.65 5.68 1.53
H5'' A1CEB B 6 -8.64 7.07 0.42
H4' A1CEB B 6 -6.52 6.93 1.46
H1' A1CEB B 6 -4.32 4.63 0.35
H3' A1CEB B 6 -6.70 7.14 -1.22
N1 A1CEC C . 7.88 -8.69 -3.73
N3 A1CEC C . 5.91 -2.89 -0.72
C27' A1CEC C . -4.54 3.19 4.18
C26' A1CEC C . -5.43 4.42 4.46
N2' A1CEC C . -6.66 4.64 3.84
C25' A1CEC C . -7.23 5.79 4.29
O13' A1CEC C . -8.31 6.20 3.88
C24' A1CEC C . -6.31 6.40 5.33
C23' A1CEC C . -6.63 7.57 5.98
C22' A1CEC C . -5.80 8.31 6.85
C21' A1CEC C . -6.68 9.31 7.57
C19' A1CEC C . -7.78 9.54 6.59
C20' A1CEC C . -9.12 9.75 7.31
N1' A1CEC C . -7.74 8.31 5.81
C29' A1CEC C . -5.15 5.47 5.42
C30' A1CEC C . -3.87 5.44 6.33
C31' A1CEC C . -2.55 5.33 5.55
O14' A1CEC C . -1.99 6.32 5.09
N3' A1CEC C . -1.94 4.15 5.80
C42 A1CEC C . -0.66 3.76 5.19
C41 A1CEC C . 0.46 3.86 6.24
O16 A1CEC C . 0.29 4.55 7.25
C40 A1CEC C . 1.62 3.22 6.08
N4' A1CEC C . 1.84 2.44 4.94
C39 A1CEC C . 2.62 3.26 6.95
S12 A1CEC C . 3.93 2.31 6.41
C38 A1CEC C . 3.04 1.89 4.99
C37 A1CEC C . 3.51 1.07 4.02
N37 A1CEC C . 2.70 0.82 2.98
C36 A1CEC C . 4.94 0.42 4.11
O15 A1CEC C . 5.67 0.69 5.05
C35 A1CEC C . 5.43 -0.41 3.17
C34 A1CEC C . 6.65 -0.96 3.25
C33 A1CEC C . 5.35 -1.70 1.37
N4 A1CEC C . 4.66 -0.82 2.08
S11 A1CEC C . 6.93 -2.05 1.96
C27 A1CEC C . 5.67 -3.08 -4.07
C26 A1CEC C . 6.16 -4.52 -4.16
N2 A1CEC C . 5.92 -5.34 -5.14
C25 A1CEC C . 6.47 -6.51 -4.88
O13 A1CEC C . 6.39 -7.47 -5.65
C24 A1CEC C . 7.09 -6.43 -3.68
C23 A1CEC C . 7.74 -7.48 -3.17
C22 A1CEC C . 8.28 -7.59 -1.87
C21 A1CEC C . 8.82 -9.00 -1.68
C19 A1CEC C . 8.14 -9.75 -2.78
C20 A1CEC C . 9.08 -10.83 -3.35
C29 A1CEC C . 6.90 -5.16 -3.23
C30 A1CEC C . 7.34 -4.39 -1.96
C31 A1CEC C . 6.13 -4.16 -1.02
O14 A1CEC C . 5.46 -5.09 -0.60
C32 A1CEC C . 4.80 -2.44 0.14
H11 A1CEC C . 7.92 -8.88 -4.72
H13 A1CEC C . 6.49 -2.14 -1.06
H27D A1CEC C . -5.14 2.30 4.24
H27E A1CEC C . -3.74 3.12 4.89
H12' A1CEC C . -7.08 4.01 3.18
H22E A1CEC C . -5.03 8.84 6.28
H22D A1CEC C . -5.33 7.65 7.57
H21D A1CEC C . -7.06 8.90 8.50
H21E A1CEC C . -6.12 10.24 7.76
H19D A1CEC C . -7.55 10.40 5.95
H20F A1CEC C . -9.89 9.99 6.58
H20E A1CEC C . -9.01 10.56 8.03
H20D A1CEC C . -9.39 8.83 7.84
H11' A1CEC C . -8.54 8.04 5.26
H30D A1CEC C . -3.95 4.61 7.01
H30E A1CEC C . -3.84 6.37 6.91
H13' A1CEC C . -2.46 3.36 6.19
H42A A1CEC C . -0.43 4.44 4.36
H42B A1CEC C . -0.71 2.74 4.83
H39 A1CEC C . 2.68 3.81 7.89
H15 A1CEC C . 1.80 1.24 2.97
H34 A1CEC C . 7.39 -0.82 4.04
H27B A1CEC C . 6.01 -2.53 -4.95
H27A A1CEC C . 6.03 -2.57 -3.19
H12 A1CEC C . 5.39 -5.11 -5.97
H22B A1CEC C . 7.49 -7.40 -1.13
H22A A1CEC C . 9.08 -6.87 -1.73
H21B A1CEC C . 8.52 -9.40 -0.71
H21A A1CEC C . 9.89 -9.02 -1.80
H19A A1CEC C . 7.21 -10.20 -2.43
H20C A1CEC C . 9.09 -11.69 -2.68
H20B A1CEC C . 10.09 -10.42 -3.43
H20A A1CEC C . 8.73 -11.14 -4.33
H30A A1CEC C . 7.75 -3.42 -2.25
H30B A1CEC C . 8.10 -4.95 -1.42
H32A A1CEC C . 4.26 -3.32 0.49
H32B A1CEC C . 4.14 -1.85 -0.47
H16 A1CEC C . 2.99 0.23 2.20
C2 A1CEB A 6 3.54 -0.83 -4.07
C4 A1CEB A 6 2.24 -2.34 -5.06
C5 A1CEB A 6 1.47 -1.31 -5.65
C6 A1CEB A 6 1.85 0.02 -5.35
P A1CEB A 6 0.41 -7.18 -9.11
OP1 A1CEB A 6 0.84 -8.60 -9.11
OP2 A1CEB A 6 -0.95 -6.82 -8.61
O5' A1CEB A 6 1.48 -6.33 -8.30
N9 A1CEB A 6 1.63 -3.53 -5.52
N3 A1CEB A 6 3.32 -2.14 -4.23
C28 A1CEB A 6 4.12 -3.12 -3.45
N1 A1CEB A 6 2.89 0.20 -4.56
N6 A1CEB A 6 1.23 1.12 -5.78
N7 A1CEB A 6 0.45 -1.83 -6.42
C8 A1CEB A 6 0.58 -3.12 -6.32
F2' A1CEB A 6 0.19 -5.64 -6.62
C2' A1CEB A 6 0.87 -5.92 -5.50
C5' A1CEB A 6 2.75 -6.86 -7.91
C4' A1CEB A 6 2.89 -6.73 -6.42
O4' A1CEB A 6 3.05 -5.32 -6.06
C1' A1CEB A 6 1.97 -4.92 -5.23
C3' A1CEB A 6 1.68 -7.19 -5.63
O3' A1CEB A 6 2.08 -7.68 -4.35
H2 A1CEB A 6 4.39 -0.59 -3.45
H28B A1CEB A 6 3.63 -4.08 -3.40
H28A A1CEB A 6 4.26 -2.77 -2.43
H62 A1CEB A 6 0.42 1.06 -6.38
H61 A1CEB A 6 1.59 2.04 -5.49
H8 A1CEB A 6 -0.06 -3.82 -6.84
H2'' A1CEB A 6 0.14 -6.00 -4.68
H5' A1CEB A 6 3.55 -6.31 -8.40
H5'' A1CEB A 6 2.80 -7.91 -8.19
H4' A1CEB A 6 3.73 -7.35 -6.11
H1' A1CEB A 6 2.29 -5.00 -4.20
H3' A1CEB A 6 1.14 -7.98 -6.16
C2 A1CEB B 6 -3.95 0.66 2.66
C4 A1CEB B 6 -4.95 1.77 1.01
C5 A1CEB B 6 -5.28 0.56 0.38
C6 A1CEB B 6 -4.89 -0.63 1.01
P A1CEB B 6 -9.83 5.67 -1.74
OP1 A1CEB B 6 -10.27 7.08 -1.61
OP2 A1CEB B 6 -9.73 5.05 -3.09
O5' A1CEB B 6 -8.43 5.51 -1.01
N9 A1CEB B 6 -5.46 2.76 0.14
N3 A1CEB B 6 -4.26 1.88 2.20
C28 A1CEB B 6 -3.90 3.10 2.98
N1 A1CEB B 6 -4.21 -0.54 2.16
N6 A1CEB B 6 -5.14 -1.86 0.56
N7 A1CEB B 6 -5.97 0.79 -0.81
C8 A1CEB B 6 -6.06 2.09 -0.89
F2' A1CEB B 6 -6.52 4.47 -1.80
C2' A1CEB B 6 -5.56 5.01 -1.02
C5' A1CEB B 6 -8.30 5.80 0.38
C4' A1CEB B 6 -6.84 5.95 0.73
O4' A1CEB B 6 -6.33 4.67 1.17
C1' A1CEB B 6 -5.34 4.22 0.25
C3' A1CEB B 6 -5.97 6.35 -0.44
O3' A1CEB B 6 -4.81 7.05 0.03
H2 A1CEB B 6 -3.40 0.66 3.60
H28B A1CEB B 6 -4.27 3.99 2.52
H28A A1CEB B 6 -2.82 3.18 3.06
H62 A1CEB B 6 -5.65 -1.99 -0.30
H61 A1CEB B 6 -4.82 -2.67 1.08
H8 A1CEB B 6 -6.57 2.59 -1.70
H2'' A1CEB B 6 -4.65 5.11 -1.62
H5' A1CEB B 6 -8.74 5.01 0.97
H5'' A1CEB B 6 -8.81 6.74 0.60
H4' A1CEB B 6 -6.76 6.73 1.48
H1' A1CEB B 6 -4.36 4.45 0.66
H3' A1CEB B 6 -6.50 6.96 -1.16
N1 A1CEC C . 7.77 -8.75 -3.59
N3 A1CEC C . 5.94 -2.88 -0.63
C27' A1CEC C . -4.48 3.03 4.38
C26' A1CEC C . -5.38 4.27 4.61
N2' A1CEC C . -6.61 4.46 3.97
C25' A1CEC C . -7.20 5.61 4.36
O13' A1CEC C . -8.28 5.99 3.93
C24' A1CEC C . -6.30 6.28 5.38
C23' A1CEC C . -6.64 7.48 5.97
C22' A1CEC C . -5.85 8.23 6.88
C21' A1CEC C . -6.77 9.24 7.54
C19' A1CEC C . -7.83 9.45 6.51
C20' A1CEC C . -9.19 9.65 7.17
N1' A1CEC C . -7.75 8.20 5.75
C29' A1CEC C . -5.12 5.38 5.52
C30' A1CEC C . -3.85 5.42 6.41
C31' A1CEC C . -2.53 5.27 5.64
O14' A1CEC C . -1.99 6.25 5.11
N3' A1CEC C . -1.92 4.11 5.93
C42 A1CEC C . -0.63 3.72 5.31
C41 A1CEC C . 0.51 3.90 6.31
O16 A1CEC C . 0.34 4.61 7.30
C40 A1CEC C . 1.70 3.31 6.12
N4' A1CEC C . 1.90 2.49 5.01
C39 A1CEC C . 2.74 3.44 6.94
S12 A1CEC C . 4.06 2.52 6.36
C38 A1CEC C . 3.11 2.01 5.01
C37 A1CEC C . 3.58 1.19 4.04
N37 A1CEC C . 2.72 0.85 3.07
C36 A1CEC C . 5.04 0.62 4.06
O15 A1CEC C . 5.81 0.96 4.96
C35 A1CEC C . 5.53 -0.22 3.13
C34 A1CEC C . 6.77 -0.69 3.17
C33 A1CEC C . 5.42 -1.58 1.40
N4 A1CEC C . 4.73 -0.71 2.10
S11 A1CEC C . 7.04 -1.82 1.91
C27 A1CEC C . 5.67 -3.10 -3.93
C26 A1CEC C . 6.12 -4.55 -4.01
N2 A1CEC C . 5.85 -5.38 -4.98
C25 A1CEC C . 6.39 -6.56 -4.72
O13 A1CEC C . 6.29 -7.52 -5.48
C24 A1CEC C . 7.04 -6.48 -3.54
C23 A1CEC C . 7.67 -7.53 -3.03
C22 A1CEC C . 8.19 -7.65 -1.72
C21 A1CEC C . 8.69 -9.07 -1.52
C19 A1CEC C . 8.00 -9.82 -2.62
C20 A1CEC C . 8.90 -10.92 -3.18
C29 A1CEC C . 6.87 -5.20 -3.09
C30 A1CEC C . 7.36 -4.43 -1.83
C31 A1CEC C . 6.17 -4.17 -0.87
O14 A1CEC C . 5.53 -5.10 -0.39
C32 A1CEC C . 4.84 -2.41 0.24
H11 A1CEC C . 7.79 -8.95 -4.57
H13 A1CEC C . 6.48 -2.15 -1.05
H27D A1CEC C . -5.07 2.15 4.49
H27E A1CEC C . -3.69 3.01 5.08
H12' A1CEC C . -7.01 3.80 3.31
H22E A1CEC C . -5.05 8.75 6.34
H22D A1CEC C . -5.42 7.57 7.63
H21D A1CEC C . -7.19 8.82 8.45
H21E A1CEC C . -6.23 10.16 7.75
H19D A1CEC C . -7.57 10.29 5.87
H20F A1CEC C . -9.06 10.19 8.12
H20E A1CEC C . -9.65 8.69 7.36
H20D A1CEC C . -9.83 10.24 6.50
H11' A1CEC C . -8.54 7.91 5.21
H30D A1CEC C . -3.91 4.63 7.15
H30E A1CEC C . -3.82 6.38 6.94
H13' A1CEC C . -2.42 3.34 6.36
H42A A1CEC C . -0.44 4.33 4.43
H42B A1CEC C . -0.68 2.66 5.01
H39 A1CEC C . 2.81 4.00 7.87
H15 A1CEC C . 1.80 1.22 3.08
H34 A1CEC C . 7.55 -0.48 3.91
H27B A1CEC C . 6.00 -2.57 -4.82
H27A A1CEC C . 6.05 -2.60 -3.05
H12 A1CEC C . 5.31 -5.15 -5.81
H22B A1CEC C . 7.41 -7.42 -0.99
H22A A1CEC C . 9.02 -6.95 -1.58
H21B A1CEC C . 8.38 -9.46 -0.55
H21A A1CEC C . 9.77 -9.13 -1.64
H19A A1CEC C . 7.06 -10.24 -2.28
H20C A1CEC C . 9.29 -11.53 -2.35
H20B A1CEC C . 9.74 -10.48 -3.71
H20A A1CEC C . 8.33 -11.55 -3.85
H30A A1CEC C . 7.78 -3.48 -2.14
H30B A1CEC C . 8.12 -5.01 -1.31
H32A A1CEC C . 4.33 -3.28 0.64
H32B A1CEC C . 4.14 -1.87 -0.39
H16 A1CEC C . 3.00 0.26 2.28
C2 A1CEB A 6 3.39 -0.90 -3.90
C4 A1CEB A 6 2.23 -2.45 -4.99
C5 A1CEB A 6 1.56 -1.43 -5.70
C6 A1CEB A 6 1.90 -0.10 -5.41
P A1CEB A 6 0.32 -7.18 -8.99
OP1 A1CEB A 6 0.69 -8.62 -8.95
OP2 A1CEB A 6 -1.02 -6.76 -8.49
O5' A1CEB A 6 1.43 -6.35 -8.21
N9 A1CEB A 6 1.69 -3.66 -5.49
N3 A1CEB A 6 3.22 -2.22 -4.04
C28 A1CEB A 6 4.01 -3.18 -3.23
N1 A1CEB A 6 2.82 0.12 -4.50
N6 A1CEB A 6 1.42 0.99 -6.03
N7 A1CEB A 6 0.64 -1.98 -6.58
C8 A1CEB A 6 0.76 -3.27 -6.43
F2' A1CEB A 6 0.16 -5.75 -6.48
C2' A1CEB A 6 0.89 -6.05 -5.39
C5' A1CEB A 6 2.70 -6.90 -7.85
C4' A1CEB A 6 2.88 -6.86 -6.36
O4' A1CEB A 6 3.10 -5.48 -5.94
C1' A1CEB A 6 2.00 -5.05 -5.14
C3' A1CEB A 6 1.68 -7.33 -5.57
O3' A1CEB A 6 2.09 -7.86 -4.31
H2 A1CEB A 6 4.13 -0.62 -3.15
H28B A1CEB A 6 3.64 -4.18 -3.30
H28A A1CEB A 6 4.02 -2.89 -2.18
H62 A1CEB A 6 0.74 0.90 -6.77
H61 A1CEB A 6 1.78 1.91 -5.76
H8 A1CEB A 6 0.16 -3.97 -6.99
H2'' A1CEB A 6 0.19 -6.13 -4.54
H5' A1CEB A 6 3.49 -6.32 -8.33
H5'' A1CEB A 6 2.76 -7.93 -8.20
H4' A1CEB A 6 3.71 -7.52 -6.11
H1' A1CEB A 6 2.30 -5.09 -4.10
H3' A1CEB A 6 1.11 -8.09 -6.11
C2 A1CEB B 6 -3.69 0.74 2.30
C4 A1CEB B 6 -5.06 1.77 0.89
C5 A1CEB B 6 -5.38 0.55 0.28
C6 A1CEB B 6 -4.76 -0.60 0.80
P A1CEB B 6 -10.47 5.69 -2.33
OP1 A1CEB B 6 -11.13 7.03 -2.37
OP2 A1CEB B 6 -10.37 4.88 -3.56
O5' A1CEB B 6 -9.02 5.88 -1.73
N9 A1CEB B 6 -5.83 2.73 0.18
N3 A1CEB B 6 -4.18 1.91 1.95
C28 A1CEB B 6 -3.77 3.13 2.69
N1 A1CEB B 6 -3.91 -0.46 1.81
N6 A1CEB B 6 -4.99 -1.84 0.35
N7 A1CEB B 6 -6.28 0.73 -0.74
C8 A1CEB B 6 -6.52 2.01 -0.77
F2' A1CEB B 6 -5.12 4.35 -1.85
C2' A1CEB B 6 -5.33 5.06 -0.73
C5' A1CEB B 6 -8.84 6.24 -0.38
C4' A1CEB B 6 -7.45 5.91 0.08
O4' A1CEB B 6 -7.33 4.52 0.37
C1' A1CEB B 6 -5.96 4.20 0.37
C3' A1CEB B 6 -6.36 6.17 -0.96
O3' A1CEB B 6 -5.78 7.48 -0.77
H2 A1CEB B 6 -2.98 0.77 3.13
H28B A1CEB B 6 -4.01 4.03 2.17
H28A A1CEB B 6 -2.70 3.11 2.87
H62 A1CEB B 6 -5.64 -2.00 -0.41
H61 A1CEB B 6 -4.50 -2.63 0.78
H8 A1CEB B 6 -7.19 2.47 -1.47
H2'' A1CEB B 6 -4.37 5.48 -0.44
H5' A1CEB B 6 -9.56 5.71 0.25
H5'' A1CEB B 6 -9.00 7.32 -0.27
H4' A1CEB B 6 -7.23 6.55 0.94
H1' A1CEB B 6 -5.57 4.47 1.33
H3' A1CEB B 6 -6.77 6.12 -1.96
N1 A1CEC C . 8.49 -8.32 -4.00
N3 A1CEC C . 6.13 -2.95 -0.58
C27' A1CEC C . -4.47 3.12 4.03
C26' A1CEC C . -5.30 4.39 4.18
N2' A1CEC C . -6.51 4.62 3.50
C25' A1CEC C . -7.02 5.83 3.81
O13' A1CEC C . -8.06 6.25 3.32
C24' A1CEC C . -6.10 6.51 4.80
C23' A1CEC C . -6.36 7.77 5.29
C22' A1CEC C . -5.75 8.38 6.41
C21' A1CEC C . -6.85 9.14 7.13
C19' A1CEC C . -7.73 9.55 5.99
C20' A1CEC C . -9.20 9.52 6.40
N1' A1CEC C . -7.41 8.54 4.97
C29' A1CEC C . -4.99 5.54 5.02
C30' A1CEC C . -3.74 5.55 5.95
C31' A1CEC C . -2.41 5.25 5.24
O14' A1CEC C . -1.78 6.14 4.67
N3' A1CEC C . -1.88 4.07 5.65
C42 A1CEC C . -0.60 3.52 5.13
C41 A1CEC C . 0.50 3.72 6.17
O16 A1CEC C . 0.31 4.44 7.14
C40 A1CEC C . 1.70 3.09 6.04
N4' A1CEC C . 1.95 2.26 4.95
C39 A1CEC C . 2.68 3.22 6.92
S12 A1CEC C . 4.03 2.28 6.43
C38 A1CEC C . 3.16 1.76 5.03
C37 A1CEC C . 3.68 0.92 4.09
N37 A1CEC C . 2.89 0.60 3.07
C36 A1CEC C . 5.14 0.35 4.21
O15 A1CEC C . 5.85 0.69 5.15
C35 A1CEC C . 5.67 -0.50 3.31
C34 A1CEC C . 6.91 -1.00 3.42
C33 A1CEC C . 5.62 -1.89 1.59
N4 A1CEC C . 4.92 -0.99 2.24
S11 A1CEC C . 7.21 -2.14 2.20
C27 A1CEC C . 5.53 -3.07 -3.81
C26 A1CEC C . 6.18 -4.43 -4.01
N2 A1CEC C . 5.92 -5.25 -4.98
C25 A1CEC C . 6.66 -6.33 -4.85
O13 A1CEC C . 6.59 -7.29 -5.63
C24 A1CEC C . 7.43 -6.19 -3.76
C23 A1CEC C . 8.28 -7.14 -3.38
C22 A1CEC C . 9.03 -7.20 -2.18
C21 A1CEC C . 9.69 -8.57 -2.09
C19 A1CEC C . 8.95 -9.37 -3.12
C20 A1CEC C . 9.89 -10.35 -3.81
C29 A1CEC C . 7.14 -4.97 -3.22
C30 A1CEC C . 7.66 -4.16 -2.00
C31 A1CEC C . 6.60 -4.16 -0.88
O14 A1CEC C . 6.24 -5.19 -0.34
C32 A1CEC C . 5.09 -2.74 0.44
H11 A1CEC C . 8.43 -8.47 -4.99
H13 A1CEC C . 6.43 -2.11 -1.04
H27D A1CEC C . -5.10 2.25 4.09
H27E A1CEC C . -3.74 3.05 4.81
H12' A1CEC C . -6.94 3.94 2.89
H22E A1CEC C . -4.97 9.06 6.07
H22D A1CEC C . -5.34 7.61 7.07
H21D A1CEC C . -7.38 8.49 7.82
H21E A1CEC C . -6.44 10.01 7.63
H19D A1CEC C . -7.45 10.54 5.63
H20F A1CEC C . -9.83 9.63 5.52
H20E A1CEC C . -9.40 10.34 7.10
H20D A1CEC C . -9.42 8.58 6.90
H11' A1CEC C . -7.97 8.46 4.16
H30D A1CEC C . -3.88 4.82 6.75
H30E A1CEC C . -3.65 6.53 6.41
H13' A1CEC C . -2.46 3.37 6.12
H42A A1CEC C . -0.33 4.05 4.21
H42B A1CEC C . -0.72 2.46 4.91
H39 A1CEC C . 2.71 3.81 7.83
H15 A1CEC C . 1.97 0.96 3.04
H34 A1CEC C . 7.64 -0.80 4.21
H27B A1CEC C . 5.67 -2.46 -4.69
H27A A1CEC C . 5.92 -2.55 -2.94
H12 A1CEC C . 5.26 -5.08 -5.72
H22B A1CEC C . 8.36 -7.06 -1.32
H22A A1CEC C . 9.79 -6.43 -2.18
H21B A1CEC C . 9.55 -9.01 -1.09
H21A A1CEC C . 10.75 -8.51 -2.34
H19A A1CEC C . 8.11 -9.89 -2.67
H20C A1CEC C . 10.77 -9.82 -4.19
H20B A1CEC C . 9.37 -10.82 -4.66
H20A A1CEC C . 10.20 -11.12 -3.11
H30A A1CEC C . 7.87 -3.14 -2.32
H30B A1CEC C . 8.58 -4.62 -1.62
H32A A1CEC C . 4.80 -3.71 0.84
H32B A1CEC C . 4.23 -2.33 -0.05
H16 A1CEC C . 3.20 0.00 2.30
C2 A1CEB A 6 3.49 -0.67 -4.37
C4 A1CEB A 6 2.23 -2.20 -5.38
C5 A1CEB A 6 1.48 -1.18 -5.99
C6 A1CEB A 6 1.84 0.16 -5.70
P A1CEB A 6 0.35 -7.19 -9.44
OP1 A1CEB A 6 0.80 -8.61 -9.45
OP2 A1CEB A 6 -1.04 -6.86 -9.02
O5' A1CEB A 6 1.36 -6.34 -8.54
N9 A1CEB A 6 1.65 -3.39 -5.86
N3 A1CEB A 6 3.30 -1.98 -4.52
C28 A1CEB A 6 4.10 -2.95 -3.72
N1 A1CEB A 6 2.85 0.36 -4.88
N6 A1CEB A 6 1.23 1.25 -6.16
N7 A1CEB A 6 0.49 -1.70 -6.80
C8 A1CEB A 6 0.63 -3.00 -6.69
F2' A1CEB A 6 0.13 -5.52 -6.83
C2' A1CEB A 6 0.85 -5.78 -5.73
C5' A1CEB A 6 2.64 -6.84 -8.16
C4' A1CEB A 6 2.84 -6.64 -6.68
O4' A1CEB A 6 3.02 -5.22 -6.40
C1' A1CEB A 6 1.99 -4.78 -5.53
C3' A1CEB A 6 1.65 -7.05 -5.83
O3' A1CEB A 6 2.08 -7.47 -4.54
H2 A1CEB A 6 4.31 -0.41 -3.71
H28B A1CEB A 6 3.64 -3.92 -3.71
H28A A1CEB A 6 4.20 -2.61 -2.69
H62 A1CEB A 6 0.45 1.18 -6.79
H61 A1CEB A 6 1.57 2.18 -5.87
H8 A1CEB A 6 0.00 -3.70 -7.22
H2'' A1CEB A 6 0.16 -5.81 -4.87
H5' A1CEB A 6 3.42 -6.30 -8.71
H5'' A1CEB A 6 2.71 -7.90 -8.39
H4' A1CEB A 6 3.68 -7.25 -6.37
H1' A1CEB A 6 2.34 -4.84 -4.52
H3' A1CEB A 6 1.07 -7.85 -6.30
C2 A1CEB B 6 -3.75 0.52 3.08
C4 A1CEB B 6 -4.79 1.40 1.31
C5 A1CEB B 6 -5.03 0.12 0.80
C6 A1CEB B 6 -4.56 -0.98 1.55
P A1CEB B 6 -9.69 5.56 -1.72
OP1 A1CEB B 6 -10.16 6.96 -1.61
OP2 A1CEB B 6 -9.66 4.90 -3.06
O5' A1CEB B 6 -8.24 5.46 -1.10
N9 A1CEB B 6 -5.34 2.28 0.37
N3 A1CEB B 6 -4.12 1.66 2.51
C28 A1CEB B 6 -3.88 2.98 3.17
N1 A1CEB B 6 -3.91 -0.73 2.68
N6 A1CEB B 6 -4.71 -2.26 1.21
N7 A1CEB B 6 -5.72 0.20 -0.40
C8 A1CEB B 6 -5.88 1.48 -0.60
F2' A1CEB B 6 -6.45 3.85 -1.72
C2' A1CEB B 6 -5.42 4.37 -1.03
C5' A1CEB B 6 -8.04 5.67 0.31
C4' A1CEB B 6 -6.57 5.61 0.62
O4' A1CEB B 6 -6.23 4.30 1.14
C1' A1CEB B 6 -5.23 3.74 0.32
C3' A1CEB B 6 -5.66 5.80 -0.60
O3' A1CEB B 6 -4.43 6.40 -0.19
H2 A1CEB B 6 -3.20 0.65 4.01
H28B A1CEB B 6 -4.40 3.77 2.69
H28A A1CEB B 6 -2.82 3.20 3.17
H62 A1CEB B 6 -5.20 -2.51 0.36
H61 A1CEB B 6 -4.34 -3.00 1.82
H8 A1CEB B 6 -6.43 1.89 -1.45
H2'' A1CEB B 6 -4.52 4.32 -1.66
H5' A1CEB B 6 -8.56 4.90 0.87
H5'' A1CEB B 6 -8.42 6.65 0.58
H4' A1CEB B 6 -6.35 6.43 1.31
H1' A1CEB B 6 -4.26 4.02 0.73
H3' A1CEB B 6 -6.15 6.39 -1.36
N1 A1CEC C . 8.15 -8.34 -3.93
N3 A1CEC C . 6.08 -2.76 -0.63
C27' A1CEC C . -4.38 2.94 4.61
C26' A1CEC C . -5.27 4.17 4.86
N2' A1CEC C . -6.49 4.39 4.20
C25' A1CEC C . -7.06 5.54 4.61
O13' A1CEC C . -8.13 5.95 4.16
C24' A1CEC C . -6.16 6.18 5.66
C23' A1CEC C . -6.48 7.37 6.26
C22' A1CEC C . -5.64 8.16 7.07
C21' A1CEC C . -6.48 9.26 7.68
C19' A1CEC C . -7.58 9.42 6.68
C20' A1CEC C . -8.91 9.75 7.36
N1' A1CEC C . -7.58 8.12 6.03
C29' A1CEC C . -5.01 5.25 5.79
C30' A1CEC C . -3.75 5.23 6.70
C31' A1CEC C . -2.43 5.20 5.91
O14' A1CEC C . -1.94 6.23 5.46
N3' A1CEC C . -1.78 4.03 6.09
C42 A1CEC C . -0.48 3.74 5.44
C41 A1CEC C . 0.66 3.88 6.45
O16 A1CEC C . 0.49 4.57 7.45
C40 A1CEC C . 1.83 3.27 6.25
N4' A1CEC C . 2.02 2.48 5.12
C39 A1CEC C . 2.86 3.35 7.08
S12 A1CEC C . 4.17 2.43 6.49
C38 A1CEC C . 3.22 1.97 5.11
C37 A1CEC C . 3.69 1.15 4.13
N37 A1CEC C . 2.84 0.85 3.14
C36 A1CEC C . 5.14 0.56 4.18
O15 A1CEC C . 5.90 0.86 5.08
C35 A1CEC C . 5.63 -0.28 3.24
C34 A1CEC C . 6.87 -0.77 3.30
C33 A1CEC C . 5.55 -1.63 1.49
N4 A1CEC C . 4.86 -0.75 2.18
S11 A1CEC C . 7.14 -1.89 2.04
C27 A1CEC C . 5.65 -2.85 -4.15
C26 A1CEC C . 6.20 -4.27 -4.27
N2 A1CEC C . 5.96 -5.10 -5.25
C25 A1CEC C . 6.59 -6.24 -5.02
O13 A1CEC C . 6.54 -7.20 -5.78
C24 A1CEC C . 7.25 -6.13 -3.84
C23 A1CEC C . 7.98 -7.14 -3.35
C22 A1CEC C . 8.50 -7.25 -2.04
C21 A1CEC C . 9.08 -8.64 -1.86
C19 A1CEC C . 8.45 -9.41 -2.98
C20 A1CEC C . 9.43 -10.44 -3.54
C29 A1CEC C . 7.01 -4.88 -3.37
C30 A1CEC C . 7.45 -4.09 -2.11
C31 A1CEC C . 6.29 -3.98 -1.12
O14 A1CEC C . 5.62 -4.97 -0.81
C32 A1CEC C . 4.99 -2.45 0.31
H11 A1CEC C . 8.18 -8.53 -4.90
H13 A1CEC C . 6.63 -1.96 -0.89
H27D A1CEC C . -4.94 2.04 4.80
H27E A1CEC C . -3.54 2.94 5.26
H12' A1CEC C . -6.89 3.75 3.53
H22E A1CEC C . -4.84 8.60 6.47
H22D A1CEC C . -5.21 7.55 7.86
H21D A1CEC C . -6.89 8.95 8.64
H21E A1CEC C . -5.90 10.18 7.79
H19D A1CEC C . -7.32 10.20 5.96
H20F A1CEC C . -9.16 8.95 8.04
H20E A1CEC C . -9.69 9.85 6.60
H20D A1CEC C . -8.81 10.68 7.91
H11' A1CEC C . -8.38 7.82 5.51
H30D A1CEC C . -3.79 4.37 7.35
H30E A1CEC C . -3.75 6.13 7.32
H13' A1CEC C . -2.24 3.22 6.49
H42A A1CEC C . -0.33 4.43 4.62
H42B A1CEC C . -0.51 2.72 5.06
H39 A1CEC C . 2.93 3.90 8.02
H15 A1CEC C . 1.92 1.23 3.15
H34 A1CEC C . 7.63 -0.58 4.06
H27B A1CEC C . 5.95 -2.28 -5.04
H27A A1CEC C . 6.00 -2.35 -3.26
H12 A1CEC C . 5.40 -4.89 -6.06
H22B A1CEC C . 7.70 -7.09 -1.31
H22A A1CEC C . 9.28 -6.50 -1.90
H21B A1CEC C . 8.79 -9.05 -0.90
H21A A1CEC C . 10.17 -8.62 -1.97
H19A A1CEC C . 7.53 -9.89 -2.64
H20C A1CEC C . 10.26 -9.93 -4.02
H20B A1CEC C . 8.92 -11.07 -4.27
H20A A1CEC C . 9.80 -11.07 -2.73
H30A A1CEC C . 7.78 -3.10 -2.40
H30B A1CEC C . 8.28 -4.61 -1.63
H32A A1CEC C . 4.60 -3.39 0.71
H32B A1CEC C . 4.21 -1.97 -0.24
H16 A1CEC C . 3.13 0.27 2.35
#